data_8H4M
#
_entry.id   8H4M
#
_cell.length_a   69.122
_cell.length_b   75.750
_cell.length_c   80.277
_cell.angle_alpha   90.00
_cell.angle_beta   90.00
_cell.angle_gamma   90.00
#
_symmetry.space_group_name_H-M   'P 21 21 21'
#
loop_
_entity.id
_entity.type
_entity.pdbx_description
1 polymer 'T-cell-specific guanine nucleotide triphosphate-binding protein 2'
2 non-polymer "GUANOSINE-5'-TRIPHOSPHATE"
3 water water
#
_entity_poly.entity_id   1
_entity_poly.type   'polypeptide(L)'
_entity_poly.pdbx_seq_one_letter_code
;GPMAWASSFDAFFKNFKRESKIISEYDITLIMTYIEENKLQKAVSVIEKVLRDIESAPLHIAVTGETGAGKSTFINTLRG
VGHEEKGAAPTGAIETDMKRTPYPHPKLPNVTIWDLPGIGTTNFTPQNYLTEMKFGEYDFFIIISATRFKENDAQLAKAI
AQMGMNFYFVRTKIDSDLDNEQKFKPKSFNKEEVLKNIKDYCSNHLQESLDSEPPVFLVSNVDISKYDFPKLETKLLQDL
PAHKRHVFSLSLQSLTEATINYKRDSLKQKVFLEAMKAGALATIPLGGMISDILENLDETFNLYRSYFGLDDASLENIAQ
DLNMSVDDFKVHLRFPHLFAEHNDESLEDKLFKYIKHISSVTGGPVAAVTYYRMAYYLQNLFLDTAANDAIALLNSKALF
EKKVGPYISEPPEYWEA
;
_entity_poly.pdbx_strand_id   A
#
loop_
_chem_comp.id
_chem_comp.type
_chem_comp.name
_chem_comp.formula
GTP non-polymer GUANOSINE-5'-TRIPHOSPHATE 'C10 H16 N5 O14 P3'
#
# COMPACT_ATOMS: atom_id res chain seq x y z
N GLY A 1 -30.71 -6.09 -11.52
CA GLY A 1 -30.44 -7.03 -12.59
C GLY A 1 -29.03 -6.88 -13.14
N PRO A 2 -28.73 -7.54 -14.26
CA PRO A 2 -27.35 -7.50 -14.78
C PRO A 2 -26.84 -6.10 -15.10
N MET A 3 -27.68 -5.24 -15.67
CA MET A 3 -27.20 -3.89 -15.99
C MET A 3 -26.96 -3.06 -14.74
N ALA A 4 -27.78 -3.24 -13.69
CA ALA A 4 -27.49 -2.57 -12.44
C ALA A 4 -26.18 -3.07 -11.84
N TRP A 5 -25.96 -4.38 -11.86
CA TRP A 5 -24.73 -4.94 -11.29
CA TRP A 5 -24.74 -4.95 -11.30
C TRP A 5 -23.50 -4.38 -11.99
N ALA A 6 -23.52 -4.40 -13.34
CA ALA A 6 -22.36 -3.88 -14.09
C ALA A 6 -22.11 -2.42 -13.76
N SER A 7 -23.17 -1.60 -13.72
CA SER A 7 -22.96 -0.18 -13.45
C SER A 7 -22.43 0.06 -12.04
N SER A 8 -22.88 -0.71 -11.06
CA SER A 8 -22.39 -0.49 -9.70
C SER A 8 -20.95 -0.99 -9.53
N PHE A 9 -20.57 -2.05 -10.24
CA PHE A 9 -19.17 -2.47 -10.32
C PHE A 9 -18.32 -1.34 -10.91
N ASP A 10 -18.75 -0.78 -12.04
CA ASP A 10 -18.03 0.34 -12.67
C ASP A 10 -17.95 1.53 -11.72
N ALA A 11 -19.07 1.88 -11.08
CA ALA A 11 -19.08 3.03 -10.18
C ALA A 11 -18.13 2.83 -9.01
N PHE A 12 -18.09 1.62 -8.45
CA PHE A 12 -17.19 1.35 -7.33
C PHE A 12 -15.74 1.65 -7.71
N PHE A 13 -15.28 1.11 -8.84
CA PHE A 13 -13.86 1.24 -9.14
C PHE A 13 -13.49 2.63 -9.60
N LYS A 14 -14.46 3.41 -10.11
CA LYS A 14 -14.13 4.78 -10.52
C LYS A 14 -13.69 5.67 -9.36
N ASN A 15 -13.90 5.26 -8.12
CA ASN A 15 -13.62 6.11 -6.98
C ASN A 15 -12.17 6.01 -6.50
N PHE A 16 -11.34 5.20 -7.14
CA PHE A 16 -10.02 4.91 -6.63
C PHE A 16 -8.93 5.56 -7.47
N LYS A 17 -7.84 5.96 -6.80
CA LYS A 17 -6.69 6.54 -7.51
C LYS A 17 -6.14 5.54 -8.52
N ARG A 18 -5.74 6.04 -9.69
CA ARG A 18 -5.29 5.15 -10.75
C ARG A 18 -4.24 4.16 -10.25
N GLU A 19 -3.24 4.64 -9.52
CA GLU A 19 -2.14 3.77 -9.11
C GLU A 19 -2.56 2.78 -8.03
N SER A 20 -3.77 2.89 -7.54
CA SER A 20 -4.20 2.00 -6.49
C SER A 20 -5.09 0.87 -7.00
N LYS A 21 -5.53 0.89 -8.28
CA LYS A 21 -6.52 -0.09 -8.70
C LYS A 21 -5.86 -1.47 -8.84
N ILE A 22 -6.44 -2.47 -8.17
CA ILE A 22 -5.87 -3.81 -8.16
C ILE A 22 -6.33 -4.67 -9.34
N ILE A 23 -7.18 -4.13 -10.22
CA ILE A 23 -7.53 -4.79 -11.47
C ILE A 23 -7.27 -3.79 -12.59
N SER A 24 -6.97 -4.31 -13.79
CA SER A 24 -6.69 -3.43 -14.92
C SER A 24 -7.98 -2.92 -15.57
N GLU A 25 -7.86 -1.86 -16.38
CA GLU A 25 -9.08 -1.40 -17.06
C GLU A 25 -9.61 -2.42 -18.06
N TYR A 26 -8.76 -3.31 -18.57
CA TYR A 26 -9.30 -4.39 -19.41
C TYR A 26 -10.03 -5.42 -18.57
N ASP A 27 -9.51 -5.76 -17.39
CA ASP A 27 -10.23 -6.63 -16.46
C ASP A 27 -11.63 -6.08 -16.22
N ILE A 28 -11.72 -4.76 -15.97
CA ILE A 28 -13.02 -4.13 -15.74
C ILE A 28 -13.90 -4.25 -16.98
N THR A 29 -13.33 -3.98 -18.15
CA THR A 29 -14.13 -4.02 -19.37
C THR A 29 -14.65 -5.43 -19.64
N LEU A 30 -13.82 -6.43 -19.40
CA LEU A 30 -14.22 -7.80 -19.65
C LEU A 30 -15.29 -8.26 -18.65
N ILE A 31 -15.12 -7.94 -17.35
CA ILE A 31 -16.16 -8.27 -16.37
C ILE A 31 -17.48 -7.58 -16.71
N MET A 32 -17.43 -6.30 -17.05
CA MET A 32 -18.65 -5.61 -17.43
CA MET A 32 -18.62 -5.57 -17.47
C MET A 32 -19.26 -6.22 -18.69
N THR A 33 -18.43 -6.57 -19.68
CA THR A 33 -18.96 -7.21 -20.89
C THR A 33 -19.74 -8.48 -20.54
N TYR A 34 -19.13 -9.37 -19.76
CA TYR A 34 -19.76 -10.64 -19.44
C TYR A 34 -21.05 -10.42 -18.66
N ILE A 35 -21.04 -9.52 -17.67
CA ILE A 35 -22.24 -9.25 -16.89
C ILE A 35 -23.35 -8.72 -17.78
N GLU A 36 -23.02 -7.74 -18.63
CA GLU A 36 -24.03 -7.15 -19.51
C GLU A 36 -24.55 -8.17 -20.52
N GLU A 37 -23.74 -9.17 -20.86
CA GLU A 37 -24.14 -10.19 -21.84
C GLU A 37 -24.80 -11.39 -21.17
N ASN A 38 -25.08 -11.31 -19.88
CA ASN A 38 -25.69 -12.39 -19.11
C ASN A 38 -24.79 -13.62 -19.06
N LYS A 39 -23.48 -13.45 -19.24
CA LYS A 39 -22.52 -14.53 -19.09
C LYS A 39 -21.95 -14.49 -17.68
N LEU A 40 -22.86 -14.71 -16.73
CA LEU A 40 -22.52 -14.55 -15.31
C LEU A 40 -21.46 -15.53 -14.86
N GLN A 41 -21.48 -16.76 -15.37
CA GLN A 41 -20.47 -17.73 -14.97
C GLN A 41 -19.09 -17.32 -15.48
N LYS A 42 -19.03 -16.77 -16.69
CA LYS A 42 -17.74 -16.29 -17.18
C LYS A 42 -17.26 -15.11 -16.35
N ALA A 43 -18.17 -14.24 -15.92
CA ALA A 43 -17.76 -13.09 -15.12
C ALA A 43 -17.19 -13.53 -13.78
N VAL A 44 -17.87 -14.47 -13.12
CA VAL A 44 -17.37 -15.00 -11.86
C VAL A 44 -16.06 -15.71 -12.06
N SER A 45 -15.89 -16.36 -13.21
CA SER A 45 -14.63 -17.05 -13.48
C SER A 45 -13.47 -16.08 -13.62
N VAL A 46 -13.67 -14.95 -14.31
CA VAL A 46 -12.63 -13.92 -14.37
C VAL A 46 -12.29 -13.43 -12.97
N ILE A 47 -13.32 -13.11 -12.18
CA ILE A 47 -13.08 -12.57 -10.83
C ILE A 47 -12.32 -13.56 -9.98
N GLU A 48 -12.70 -14.84 -10.04
CA GLU A 48 -11.97 -15.87 -9.30
C GLU A 48 -10.50 -15.94 -9.70
N LYS A 49 -10.21 -15.87 -11.01
CA LYS A 49 -8.83 -15.95 -11.45
C LYS A 49 -8.06 -14.70 -11.07
N VAL A 50 -8.71 -13.53 -11.12
CA VAL A 50 -8.05 -12.30 -10.67
C VAL A 50 -7.70 -12.40 -9.19
N LEU A 51 -8.64 -12.87 -8.37
CA LEU A 51 -8.39 -12.98 -6.94
C LEU A 51 -7.29 -13.98 -6.62
N ARG A 52 -7.24 -15.11 -7.34
CA ARG A 52 -6.17 -16.05 -7.09
C ARG A 52 -4.80 -15.45 -7.40
N ASP A 53 -4.73 -14.66 -8.48
CA ASP A 53 -3.47 -14.00 -8.86
C ASP A 53 -3.06 -12.98 -7.82
N ILE A 54 -4.01 -12.15 -7.38
CA ILE A 54 -3.75 -11.14 -6.34
C ILE A 54 -3.25 -11.82 -5.06
N GLU A 55 -3.88 -12.92 -4.67
CA GLU A 55 -3.50 -13.55 -3.42
C GLU A 55 -2.18 -14.30 -3.49
N SER A 56 -1.80 -14.81 -4.64
CA SER A 56 -0.57 -15.58 -4.77
C SER A 56 0.59 -14.78 -5.34
N ALA A 57 0.42 -13.49 -5.62
CA ALA A 57 1.43 -12.74 -6.34
C ALA A 57 2.70 -12.62 -5.50
N PRO A 58 3.85 -13.05 -6.01
CA PRO A 58 5.12 -12.77 -5.32
C PRO A 58 5.60 -11.37 -5.68
N LEU A 59 6.40 -10.81 -4.78
CA LEU A 59 7.05 -9.52 -5.01
C LEU A 59 8.53 -9.68 -4.70
N HIS A 60 9.37 -9.58 -5.73
CA HIS A 60 10.83 -9.70 -5.63
C HIS A 60 11.47 -8.40 -6.11
N ILE A 61 12.13 -7.68 -5.19
CA ILE A 61 12.72 -6.37 -5.47
C ILE A 61 14.23 -6.50 -5.36
N ALA A 62 14.93 -6.08 -6.41
CA ALA A 62 16.39 -6.08 -6.44
C ALA A 62 16.89 -4.69 -6.10
N VAL A 63 17.77 -4.60 -5.10
CA VAL A 63 18.40 -3.34 -4.72
C VAL A 63 19.89 -3.48 -4.97
N THR A 64 20.41 -2.64 -5.86
CA THR A 64 21.80 -2.70 -6.29
C THR A 64 22.46 -1.34 -6.09
N GLY A 65 23.75 -1.37 -5.81
CA GLY A 65 24.50 -0.16 -5.58
C GLY A 65 25.80 -0.48 -4.87
N GLU A 66 26.72 0.47 -4.95
CA GLU A 66 28.01 0.25 -4.33
C GLU A 66 27.89 0.36 -2.81
N THR A 67 28.99 0.04 -2.12
CA THR A 67 28.99 0.08 -0.67
C THR A 67 28.88 1.53 -0.18
N GLY A 68 28.42 1.69 1.06
CA GLY A 68 28.30 3.01 1.63
C GLY A 68 27.16 3.86 1.10
N ALA A 69 26.32 3.32 0.22
CA ALA A 69 25.18 4.06 -0.31
C ALA A 69 23.94 3.97 0.57
N GLY A 70 23.99 3.27 1.70
CA GLY A 70 22.80 3.07 2.52
C GLY A 70 21.92 1.92 2.11
N LYS A 71 22.47 0.95 1.37
CA LYS A 71 21.66 -0.11 0.79
C LYS A 71 21.03 -0.99 1.86
N SER A 72 21.80 -1.37 2.87
CA SER A 72 21.26 -2.21 3.94
C SER A 72 20.17 -1.46 4.71
N THR A 73 20.43 -0.19 5.05
CA THR A 73 19.42 0.60 5.75
C THR A 73 18.16 0.72 4.90
N PHE A 74 18.33 0.92 3.59
CA PHE A 74 17.19 1.01 2.68
C PHE A 74 16.41 -0.29 2.63
N ILE A 75 17.12 -1.41 2.56
CA ILE A 75 16.46 -2.72 2.53
C ILE A 75 15.72 -2.96 3.84
N ASN A 76 16.33 -2.61 4.97
CA ASN A 76 15.63 -2.73 6.26
C ASN A 76 14.43 -1.79 6.32
N THR A 77 14.62 -0.53 5.91
CA THR A 77 13.53 0.43 5.96
C THR A 77 12.35 -0.04 5.13
N LEU A 78 12.63 -0.56 3.94
CA LEU A 78 11.57 -1.09 3.07
C LEU A 78 10.74 -2.14 3.80
N ARG A 79 11.38 -2.95 4.64
CA ARG A 79 10.70 -4.06 5.31
C ARG A 79 10.16 -3.70 6.68
N GLY A 80 10.47 -2.52 7.21
CA GLY A 80 10.07 -2.17 8.56
C GLY A 80 10.87 -2.85 9.64
N VAL A 81 12.07 -3.31 9.34
CA VAL A 81 12.90 -4.07 10.26
C VAL A 81 13.89 -3.13 10.93
N GLY A 82 13.97 -3.19 12.25
CA GLY A 82 14.98 -2.44 12.97
C GLY A 82 16.37 -2.97 12.69
N HIS A 83 17.36 -2.06 12.76
CA HIS A 83 18.75 -2.44 12.52
C HIS A 83 19.21 -3.56 13.46
N GLU A 84 18.53 -3.73 14.59
CA GLU A 84 18.98 -4.67 15.61
C GLU A 84 18.50 -6.09 15.32
N GLU A 85 17.29 -6.22 14.78
CA GLU A 85 16.50 -7.44 14.92
C GLU A 85 17.05 -8.57 14.06
N LYS A 86 16.45 -9.74 14.24
CA LYS A 86 16.65 -10.86 13.32
C LYS A 86 16.20 -10.46 11.92
N GLY A 87 16.97 -10.91 10.92
CA GLY A 87 16.65 -10.64 9.54
C GLY A 87 17.10 -9.30 9.01
N ALA A 88 17.68 -8.45 9.85
CA ALA A 88 18.18 -7.17 9.40
C ALA A 88 19.37 -7.36 8.46
N ALA A 89 19.45 -6.51 7.45
CA ALA A 89 20.65 -6.47 6.62
C ALA A 89 21.77 -5.80 7.41
N PRO A 90 22.99 -6.35 7.42
CA PRO A 90 24.12 -5.89 8.24
C PRO A 90 24.40 -4.40 8.11
N MET A 98 30.31 -10.00 -4.31
CA MET A 98 30.11 -11.43 -4.13
C MET A 98 28.78 -11.88 -4.72
N LYS A 99 27.88 -12.39 -3.88
CA LYS A 99 26.63 -12.96 -4.36
C LYS A 99 25.42 -12.24 -3.77
N ARG A 100 24.30 -12.35 -4.49
CA ARG A 100 23.05 -11.73 -4.08
C ARG A 100 22.49 -12.41 -2.82
N THR A 101 21.87 -11.62 -1.96
CA THR A 101 21.42 -12.08 -0.65
C THR A 101 19.95 -11.73 -0.41
N PRO A 102 19.09 -12.71 -0.14
CA PRO A 102 17.65 -12.41 0.04
C PRO A 102 17.35 -11.91 1.44
N TYR A 103 16.40 -10.98 1.54
CA TYR A 103 15.92 -10.50 2.83
C TYR A 103 14.40 -10.59 2.82
N PRO A 104 13.83 -11.63 3.42
CA PRO A 104 12.38 -11.78 3.39
C PRO A 104 11.69 -10.70 4.18
N HIS A 105 10.49 -10.36 3.74
CA HIS A 105 9.64 -9.49 4.51
C HIS A 105 9.25 -10.17 5.82
N PRO A 106 9.31 -9.47 6.95
CA PRO A 106 8.99 -10.12 8.23
C PRO A 106 7.55 -10.57 8.37
N LYS A 107 6.61 -9.95 7.65
CA LYS A 107 5.19 -10.24 7.82
C LYS A 107 4.48 -10.77 6.58
N LEU A 108 5.10 -10.76 5.42
CA LEU A 108 4.47 -11.17 4.17
C LEU A 108 5.29 -12.25 3.48
N PRO A 109 4.81 -13.50 3.46
CA PRO A 109 5.66 -14.58 2.92
C PRO A 109 6.11 -14.37 1.48
N ASN A 110 5.27 -13.81 0.62
CA ASN A 110 5.58 -13.80 -0.80
C ASN A 110 6.49 -12.63 -1.22
N VAL A 111 7.06 -11.90 -0.27
CA VAL A 111 7.79 -10.65 -0.53
C VAL A 111 9.24 -10.81 -0.12
N THR A 112 10.16 -10.54 -1.05
CA THR A 112 11.58 -10.61 -0.75
C THR A 112 12.32 -9.44 -1.36
N ILE A 113 13.18 -8.80 -0.57
CA ILE A 113 14.07 -7.73 -1.02
C ILE A 113 15.48 -8.30 -1.13
N TRP A 114 16.07 -8.17 -2.31
CA TRP A 114 17.36 -8.80 -2.60
C TRP A 114 18.46 -7.77 -2.54
N ASP A 115 19.52 -8.08 -1.79
CA ASP A 115 20.74 -7.27 -1.72
C ASP A 115 21.70 -7.76 -2.80
N LEU A 116 21.89 -6.96 -3.86
CA LEU A 116 22.80 -7.29 -4.95
C LEU A 116 24.11 -6.52 -4.81
N PRO A 117 25.26 -7.15 -5.02
CA PRO A 117 26.53 -6.39 -5.01
C PRO A 117 26.59 -5.43 -6.18
N GLY A 118 27.13 -4.24 -5.93
CA GLY A 118 27.24 -3.25 -6.99
C GLY A 118 28.02 -3.76 -8.17
N ILE A 119 27.64 -3.30 -9.37
CA ILE A 119 28.31 -3.75 -10.57
C ILE A 119 29.76 -3.29 -10.58
N GLY A 120 30.06 -2.19 -9.90
CA GLY A 120 31.44 -1.74 -9.80
C GLY A 120 32.35 -2.77 -9.15
N THR A 121 31.92 -3.31 -7.99
CA THR A 121 32.67 -4.33 -7.25
C THR A 121 32.77 -5.69 -7.98
N THR A 122 32.34 -5.77 -9.25
CA THR A 122 32.48 -6.97 -10.07
C THR A 122 33.15 -6.57 -11.37
N ASN A 123 33.43 -7.57 -12.23
CA ASN A 123 33.99 -7.32 -13.54
C ASN A 123 33.07 -7.81 -14.67
N PHE A 124 31.76 -7.81 -14.43
CA PHE A 124 30.81 -8.18 -15.48
C PHE A 124 30.49 -6.98 -16.37
N THR A 125 30.12 -7.28 -17.60
CA THR A 125 29.42 -6.32 -18.43
C THR A 125 28.04 -6.10 -17.80
N PRO A 126 27.31 -5.08 -18.23
CA PRO A 126 25.90 -4.94 -17.82
C PRO A 126 25.10 -6.22 -18.04
N GLN A 127 25.08 -6.71 -19.29
CA GLN A 127 24.26 -7.87 -19.60
C GLN A 127 24.71 -9.11 -18.81
N ASN A 128 26.01 -9.28 -18.65
CA ASN A 128 26.48 -10.44 -17.90
C ASN A 128 26.23 -10.28 -16.41
N TYR A 129 26.20 -9.04 -15.92
CA TYR A 129 25.79 -8.80 -14.52
C TYR A 129 24.35 -9.24 -14.31
N LEU A 130 23.45 -8.82 -15.19
CA LEU A 130 22.04 -9.13 -15.03
C LEU A 130 21.82 -10.64 -15.02
N THR A 131 22.44 -11.37 -15.93
CA THR A 131 22.26 -12.82 -15.98
C THR A 131 22.83 -13.48 -14.72
N GLU A 132 23.96 -12.98 -14.23
CA GLU A 132 24.54 -13.58 -13.03
C GLU A 132 23.65 -13.37 -11.81
N MET A 133 23.03 -12.20 -11.69
CA MET A 133 22.18 -11.90 -10.55
C MET A 133 20.75 -12.40 -10.73
N LYS A 134 20.46 -13.06 -11.84
CA LYS A 134 19.15 -13.66 -12.15
C LYS A 134 18.07 -12.57 -12.25
N PHE A 135 18.20 -11.81 -13.34
CA PHE A 135 17.38 -10.63 -13.58
C PHE A 135 15.90 -10.96 -13.69
N GLY A 136 15.57 -12.18 -14.13
CA GLY A 136 14.19 -12.51 -14.45
C GLY A 136 13.34 -12.75 -13.22
N GLU A 137 13.97 -12.96 -12.08
CA GLU A 137 13.25 -13.22 -10.84
C GLU A 137 12.66 -11.95 -10.23
N TYR A 138 13.05 -10.76 -10.69
CA TYR A 138 12.67 -9.53 -10.01
C TYR A 138 11.51 -8.82 -10.71
N ASP A 139 10.74 -8.08 -9.91
CA ASP A 139 9.70 -7.22 -10.46
C ASP A 139 10.24 -5.87 -10.90
N PHE A 140 11.25 -5.35 -10.21
CA PHE A 140 11.93 -4.15 -10.67
C PHE A 140 13.24 -4.02 -9.91
N PHE A 141 14.05 -3.06 -10.35
CA PHE A 141 15.36 -2.76 -9.77
C PHE A 141 15.39 -1.37 -9.17
N ILE A 142 15.96 -1.26 -7.99
CA ILE A 142 16.31 0.02 -7.36
C ILE A 142 17.82 0.16 -7.45
N ILE A 143 18.28 1.24 -8.05
CA ILE A 143 19.71 1.54 -8.17
C ILE A 143 20.01 2.70 -7.23
N ILE A 144 20.84 2.45 -6.23
CA ILE A 144 20.98 3.32 -5.09
C ILE A 144 22.40 3.90 -5.05
N SER A 145 22.48 5.22 -4.78
CA SER A 145 23.76 5.90 -4.55
C SER A 145 23.53 6.97 -3.49
N ALA A 146 24.56 7.23 -2.68
CA ALA A 146 24.53 8.35 -1.75
C ALA A 146 25.33 9.54 -2.26
N THR A 147 25.81 9.48 -3.50
CA THR A 147 26.62 10.55 -4.06
C THR A 147 26.12 10.98 -5.41
N ARG A 148 26.82 10.54 -6.44
CA ARG A 148 26.51 10.82 -7.83
C ARG A 148 26.58 9.46 -8.51
N PHE A 149 25.69 9.20 -9.44
CA PHE A 149 25.65 7.88 -10.06
C PHE A 149 26.72 7.77 -11.13
N LYS A 150 27.50 6.68 -11.09
CA LYS A 150 28.56 6.44 -12.06
C LYS A 150 27.99 5.98 -13.40
N GLU A 151 28.80 6.12 -14.47
CA GLU A 151 28.33 5.69 -15.79
C GLU A 151 28.04 4.20 -15.81
N ASN A 152 28.70 3.44 -14.92
CA ASN A 152 28.37 2.03 -14.72
C ASN A 152 26.89 1.84 -14.45
N ASP A 153 26.27 2.78 -13.74
CA ASP A 153 24.87 2.67 -13.35
C ASP A 153 23.94 3.07 -14.49
N ALA A 154 24.31 4.11 -15.24
CA ALA A 154 23.53 4.44 -16.43
C ALA A 154 23.53 3.27 -17.41
N GLN A 155 24.66 2.54 -17.50
CA GLN A 155 24.74 1.42 -18.42
C GLN A 155 23.96 0.22 -17.89
N LEU A 156 23.96 0.00 -16.57
CA LEU A 156 23.11 -1.04 -16.00
C LEU A 156 21.63 -0.74 -16.26
N ALA A 157 21.24 0.53 -16.08
CA ALA A 157 19.86 0.92 -16.34
C ALA A 157 19.48 0.68 -17.80
N LYS A 158 20.35 1.11 -18.72
CA LYS A 158 20.13 0.86 -20.14
C LYS A 158 19.95 -0.63 -20.40
N ALA A 159 20.79 -1.47 -19.77
CA ALA A 159 20.64 -2.92 -19.93
C ALA A 159 19.32 -3.42 -19.34
N ILE A 160 18.95 -2.94 -18.15
CA ILE A 160 17.67 -3.33 -17.57
C ILE A 160 16.52 -2.93 -18.49
N ALA A 161 16.56 -1.69 -18.99
CA ALA A 161 15.47 -1.21 -19.85
C ALA A 161 15.36 -2.00 -21.13
N GLN A 162 16.50 -2.30 -21.77
CA GLN A 162 16.46 -3.05 -23.01
C GLN A 162 15.89 -4.45 -22.82
N MET A 163 15.72 -4.87 -21.59
CA MET A 163 15.13 -6.15 -21.26
C MET A 163 13.68 -6.01 -20.87
N GLY A 164 13.13 -4.81 -21.06
CA GLY A 164 11.74 -4.54 -20.79
C GLY A 164 11.37 -4.43 -19.33
N MET A 165 12.34 -4.22 -18.44
CA MET A 165 12.05 -4.09 -17.02
C MET A 165 12.24 -2.65 -16.54
N ASN A 166 11.75 -2.41 -15.31
CA ASN A 166 11.73 -1.09 -14.73
C ASN A 166 12.88 -0.93 -13.74
N PHE A 167 13.46 0.26 -13.72
CA PHE A 167 14.49 0.63 -12.77
C PHE A 167 14.16 2.02 -12.21
N TYR A 168 14.68 2.31 -11.02
CA TYR A 168 14.49 3.60 -10.37
C TYR A 168 15.79 3.99 -9.70
N PHE A 169 16.25 5.21 -9.96
CA PHE A 169 17.46 5.73 -9.31
C PHE A 169 17.06 6.40 -8.01
N VAL A 170 17.68 5.96 -6.92
CA VAL A 170 17.36 6.45 -5.58
C VAL A 170 18.65 7.01 -4.98
N ARG A 171 18.64 8.31 -4.69
CA ARG A 171 19.79 9.01 -4.10
C ARG A 171 19.53 9.15 -2.61
N THR A 172 20.32 8.44 -1.78
CA THR A 172 20.10 8.38 -0.34
C THR A 172 20.88 9.45 0.43
N LYS A 173 20.62 9.51 1.73
CA LYS A 173 21.35 10.37 2.68
C LYS A 173 21.14 11.85 2.38
N ILE A 174 20.00 12.17 1.76
CA ILE A 174 19.75 13.56 1.42
C ILE A 174 19.61 14.41 2.69
N ASP A 175 19.16 13.81 3.80
CA ASP A 175 19.00 14.58 5.02
C ASP A 175 20.35 15.06 5.56
N SER A 176 21.41 14.26 5.38
CA SER A 176 22.73 14.66 5.86
C SER A 176 23.29 15.81 5.04
N ASP A 177 23.11 15.76 3.72
CA ASP A 177 23.60 16.87 2.90
C ASP A 177 22.86 18.16 3.22
N LEU A 178 21.54 18.09 3.45
CA LEU A 178 20.81 19.31 3.83
C LEU A 178 21.28 19.84 5.17
N ASP A 179 21.48 18.94 6.14
CA ASP A 179 21.93 19.36 7.47
C ASP A 179 23.31 20.02 7.39
N ASN A 180 24.21 19.45 6.59
CA ASN A 180 25.53 20.05 6.43
C ASN A 180 25.45 21.42 5.77
N GLU A 181 24.58 21.57 4.77
CA GLU A 181 24.50 22.87 4.12
C GLU A 181 23.85 23.91 5.03
N GLN A 182 22.83 23.52 5.79
CA GLN A 182 22.20 24.47 6.71
C GLN A 182 23.19 24.96 7.76
N LYS A 183 24.01 24.06 8.31
CA LYS A 183 25.01 24.49 9.28
C LYS A 183 26.10 25.35 8.65
N PHE A 184 26.43 25.10 7.38
CA PHE A 184 27.46 25.86 6.67
C PHE A 184 26.99 27.26 6.33
N LYS A 185 25.71 27.39 5.94
CA LYS A 185 25.17 28.64 5.39
C LYS A 185 23.83 28.92 6.05
N PRO A 186 23.83 29.18 7.37
CA PRO A 186 22.55 29.32 8.07
C PRO A 186 21.74 30.53 7.63
N LYS A 187 22.41 31.59 7.15
CA LYS A 187 21.69 32.79 6.73
C LYS A 187 21.05 32.63 5.34
N SER A 188 21.60 31.80 4.47
CA SER A 188 21.14 31.74 3.09
C SER A 188 20.70 30.35 2.64
N PHE A 189 20.65 29.39 3.56
CA PHE A 189 20.19 28.03 3.27
C PHE A 189 18.88 28.02 2.49
N ASN A 190 18.86 27.30 1.37
CA ASN A 190 17.67 27.16 0.53
C ASN A 190 17.51 25.67 0.21
N LYS A 191 16.67 24.98 1.00
CA LYS A 191 16.49 23.54 0.83
C LYS A 191 16.15 23.16 -0.61
N GLU A 192 15.23 23.89 -1.24
CA GLU A 192 14.81 23.52 -2.60
C GLU A 192 15.94 23.65 -3.62
N GLU A 193 16.82 24.64 -3.43
CA GLU A 193 17.96 24.81 -4.33
C GLU A 193 18.95 23.66 -4.17
N VAL A 194 19.19 23.21 -2.94
CA VAL A 194 20.07 22.08 -2.73
C VAL A 194 19.50 20.83 -3.40
N LEU A 195 18.23 20.54 -3.13
CA LEU A 195 17.61 19.36 -3.73
C LEU A 195 17.65 19.42 -5.26
N LYS A 196 17.31 20.58 -5.81
CA LYS A 196 17.32 20.73 -7.27
C LYS A 196 18.72 20.53 -7.83
N ASN A 197 19.74 21.11 -7.18
CA ASN A 197 21.10 20.96 -7.70
C ASN A 197 21.56 19.51 -7.66
N ILE A 198 21.20 18.78 -6.61
CA ILE A 198 21.58 17.37 -6.52
C ILE A 198 20.84 16.54 -7.55
N LYS A 199 19.52 16.70 -7.65
CA LYS A 199 18.75 15.96 -8.65
C LYS A 199 19.21 16.27 -10.07
N ASP A 200 19.43 17.54 -10.37
CA ASP A 200 19.82 17.92 -11.73
C ASP A 200 21.16 17.32 -12.12
N TYR A 201 22.13 17.34 -11.21
CA TYR A 201 23.42 16.74 -11.52
C TYR A 201 23.25 15.25 -11.85
N CYS A 202 22.59 14.50 -10.97
CA CYS A 202 22.38 13.08 -11.20
C CYS A 202 21.63 12.85 -12.50
N SER A 203 20.51 13.57 -12.68
CA SER A 203 19.69 13.39 -13.88
C SER A 203 20.48 13.67 -15.15
N ASN A 204 21.15 14.83 -15.21
CA ASN A 204 21.84 15.24 -16.44
C ASN A 204 22.96 14.28 -16.80
N HIS A 205 23.69 13.76 -15.81
CA HIS A 205 24.77 12.85 -16.12
C HIS A 205 24.27 11.47 -16.48
N LEU A 206 23.24 10.97 -15.79
CA LEU A 206 22.66 9.69 -16.19
C LEU A 206 22.13 9.74 -17.61
N GLN A 207 21.59 10.88 -18.04
CA GLN A 207 20.98 11.01 -19.35
C GLN A 207 21.99 10.86 -20.49
N GLU A 208 23.25 11.23 -20.24
CA GLU A 208 24.28 11.07 -21.26
C GLU A 208 24.40 9.65 -21.79
N SER A 209 23.74 8.68 -21.16
CA SER A 209 23.75 7.30 -21.63
C SER A 209 22.35 6.70 -21.76
N LEU A 210 21.29 7.47 -21.53
CA LEU A 210 19.93 6.94 -21.55
C LEU A 210 19.09 7.60 -22.63
N GLU A 213 14.63 10.89 -20.01
CA GLU A 213 15.20 11.30 -18.73
C GLU A 213 14.73 10.40 -17.59
N PRO A 214 15.67 9.90 -16.78
CA PRO A 214 15.34 8.89 -15.78
C PRO A 214 14.65 9.48 -14.57
N PRO A 215 13.80 8.71 -13.89
CA PRO A 215 13.26 9.17 -12.60
C PRO A 215 14.31 8.98 -11.51
N VAL A 216 14.68 10.09 -10.89
CA VAL A 216 15.62 10.13 -9.77
C VAL A 216 14.86 10.56 -8.52
N PHE A 217 15.01 9.81 -7.44
CA PHE A 217 14.29 10.11 -6.20
C PHE A 217 15.28 10.36 -5.08
N LEU A 218 15.17 11.53 -4.44
CA LEU A 218 16.05 11.89 -3.32
C LEU A 218 15.37 11.50 -2.01
N VAL A 219 16.06 10.69 -1.20
CA VAL A 219 15.42 10.13 0.00
C VAL A 219 16.36 10.16 1.19
N SER A 220 15.73 10.11 2.35
CA SER A 220 16.41 9.80 3.61
C SER A 220 15.98 8.40 4.04
N ASN A 221 16.97 7.51 4.20
CA ASN A 221 16.65 6.14 4.64
C ASN A 221 16.10 6.08 6.05
N VAL A 222 16.25 7.14 6.84
CA VAL A 222 15.80 7.10 8.22
C VAL A 222 14.47 7.79 8.44
N ASP A 223 13.82 8.28 7.37
CA ASP A 223 12.47 8.83 7.51
C ASP A 223 11.74 8.70 6.16
N ILE A 224 10.98 7.60 6.02
CA ILE A 224 10.25 7.28 4.79
C ILE A 224 9.12 8.26 4.49
N SER A 225 8.81 9.18 5.41
CA SER A 225 7.76 10.16 5.18
C SER A 225 8.25 11.43 4.50
N LYS A 226 9.56 11.62 4.35
CA LYS A 226 10.09 12.90 3.88
C LYS A 226 10.66 12.79 2.46
N TYR A 227 10.92 13.95 1.87
CA TYR A 227 11.63 14.10 0.58
C TYR A 227 10.85 13.34 -0.49
N ASP A 228 11.51 12.57 -1.35
CA ASP A 228 10.84 11.92 -2.46
C ASP A 228 10.38 10.49 -2.15
N PHE A 229 10.50 10.03 -0.91
CA PHE A 229 10.12 8.64 -0.63
C PHE A 229 8.63 8.44 -0.90
N PRO A 230 7.73 9.35 -0.51
CA PRO A 230 6.32 9.14 -0.89
C PRO A 230 6.09 9.08 -2.39
N LYS A 231 6.75 9.96 -3.18
CA LYS A 231 6.62 9.94 -4.64
C LYS A 231 7.15 8.63 -5.21
N LEU A 232 8.21 8.09 -4.60
CA LEU A 232 8.73 6.79 -5.04
C LEU A 232 7.71 5.68 -4.84
N GLU A 233 7.11 5.59 -3.65
CA GLU A 233 6.09 4.57 -3.45
C GLU A 233 4.94 4.69 -4.45
N THR A 234 4.52 5.92 -4.73
CA THR A 234 3.42 6.10 -5.68
C THR A 234 3.83 5.63 -7.08
N LYS A 235 5.04 5.99 -7.50
CA LYS A 235 5.50 5.61 -8.84
C LYS A 235 5.67 4.11 -8.96
N LEU A 236 6.20 3.47 -7.91
CA LEU A 236 6.34 2.02 -7.91
C LEU A 236 4.99 1.36 -8.05
N LEU A 237 3.99 1.89 -7.34
CA LEU A 237 2.62 1.37 -7.48
C LEU A 237 2.11 1.57 -8.90
N GLN A 238 2.24 2.80 -9.44
CA GLN A 238 1.76 3.08 -10.81
C GLN A 238 2.34 2.10 -11.82
N ASP A 239 3.62 1.76 -11.69
CA ASP A 239 4.30 0.97 -12.69
C ASP A 239 4.10 -0.54 -12.54
N LEU A 240 3.64 -1.01 -11.38
CA LEU A 240 3.44 -2.45 -11.23
C LEU A 240 2.22 -2.89 -12.02
N PRO A 241 2.16 -4.17 -12.40
CA PRO A 241 0.90 -4.73 -12.93
C PRO A 241 -0.17 -4.58 -11.87
N ALA A 242 -1.40 -4.29 -12.31
CA ALA A 242 -2.50 -4.03 -11.37
C ALA A 242 -2.56 -5.11 -10.28
N HIS A 243 -2.44 -6.38 -10.65
CA HIS A 243 -2.67 -7.43 -9.66
C HIS A 243 -1.57 -7.49 -8.60
N LYS A 244 -0.39 -6.93 -8.87
CA LYS A 244 0.64 -6.94 -7.85
C LYS A 244 0.56 -5.74 -6.92
N ARG A 245 -0.33 -4.78 -7.21
CA ARG A 245 -0.41 -3.60 -6.34
C ARG A 245 -0.93 -3.94 -4.96
N HIS A 246 -1.67 -5.04 -4.81
CA HIS A 246 -2.17 -5.37 -3.49
C HIS A 246 -1.04 -5.81 -2.57
N VAL A 247 -0.26 -6.80 -2.98
CA VAL A 247 0.86 -7.24 -2.14
C VAL A 247 1.84 -6.09 -1.90
N PHE A 248 2.10 -5.25 -2.92
CA PHE A 248 2.99 -4.10 -2.71
C PHE A 248 2.42 -3.14 -1.67
N SER A 249 1.13 -2.82 -1.76
CA SER A 249 0.52 -1.91 -0.78
C SER A 249 0.65 -2.48 0.62
N LEU A 250 0.42 -3.78 0.77
CA LEU A 250 0.52 -4.40 2.09
C LEU A 250 1.94 -4.37 2.64
N SER A 251 2.93 -4.35 1.76
CA SER A 251 4.33 -4.33 2.19
C SER A 251 4.77 -2.96 2.69
N LEU A 252 4.02 -1.90 2.40
CA LEU A 252 4.40 -0.56 2.83
C LEU A 252 4.28 -0.41 4.35
N GLN A 253 5.03 0.55 4.90
CA GLN A 253 4.91 0.93 6.31
C GLN A 253 3.61 1.71 6.56
N SER A 254 3.04 1.58 7.75
CA SER A 254 1.87 2.40 8.10
C SER A 254 2.25 3.77 8.68
N LEU A 255 3.16 4.49 8.03
CA LEU A 255 3.80 5.67 8.63
C LEU A 255 3.37 7.02 8.04
N THR A 256 2.55 7.01 7.00
CA THR A 256 1.98 8.24 6.45
C THR A 256 0.51 8.01 6.16
N GLU A 257 -0.25 9.11 6.10
CA GLU A 257 -1.64 9.02 5.68
C GLU A 257 -1.75 8.40 4.28
N ALA A 258 -0.86 8.78 3.36
CA ALA A 258 -0.95 8.26 1.99
C ALA A 258 -0.76 6.75 1.96
N THR A 259 0.18 6.23 2.76
CA THR A 259 0.41 4.79 2.73
C THR A 259 -0.71 4.01 3.43
N ILE A 260 -1.20 4.53 4.55
CA ILE A 260 -2.38 3.91 5.18
C ILE A 260 -3.53 3.87 4.20
N ASN A 261 -3.72 4.94 3.43
CA ASN A 261 -4.85 4.95 2.50
C ASN A 261 -4.62 4.03 1.31
N TYR A 262 -3.37 3.86 0.88
CA TYR A 262 -3.09 2.85 -0.15
C TYR A 262 -3.51 1.45 0.33
N LYS A 263 -3.20 1.11 1.59
CA LYS A 263 -3.62 -0.18 2.15
C LYS A 263 -5.12 -0.25 2.26
N ARG A 264 -5.74 0.81 2.77
CA ARG A 264 -7.19 0.84 2.93
C ARG A 264 -7.89 0.62 1.58
N ASP A 265 -7.45 1.35 0.56
CA ASP A 265 -8.11 1.26 -0.73
C ASP A 265 -7.89 -0.10 -1.37
N SER A 266 -6.70 -0.67 -1.21
CA SER A 266 -6.41 -1.97 -1.79
C SER A 266 -7.28 -3.05 -1.15
N LEU A 267 -7.36 -3.05 0.19
CA LEU A 267 -8.18 -4.04 0.88
C LEU A 267 -9.68 -3.86 0.59
N LYS A 268 -10.14 -2.61 0.47
CA LYS A 268 -11.57 -2.40 0.16
C LYS A 268 -11.91 -2.94 -1.22
N GLN A 269 -11.01 -2.75 -2.19
CA GLN A 269 -11.23 -3.32 -3.53
C GLN A 269 -11.23 -4.83 -3.46
N LYS A 270 -10.32 -5.42 -2.69
CA LYS A 270 -10.28 -6.88 -2.64
C LYS A 270 -11.55 -7.46 -2.03
N VAL A 271 -12.06 -6.88 -0.94
CA VAL A 271 -13.27 -7.47 -0.35
C VAL A 271 -14.50 -7.23 -1.24
N PHE A 272 -14.51 -6.14 -2.02
CA PHE A 272 -15.58 -5.96 -2.99
C PHE A 272 -15.53 -7.04 -4.08
N LEU A 273 -14.33 -7.39 -4.56
CA LEU A 273 -14.27 -8.46 -5.55
C LEU A 273 -14.72 -9.78 -4.97
N GLU A 274 -14.38 -10.04 -3.70
CA GLU A 274 -14.85 -11.25 -3.04
C GLU A 274 -16.38 -11.25 -2.96
N ALA A 275 -16.95 -10.08 -2.69
CA ALA A 275 -18.41 -9.95 -2.63
C ALA A 275 -19.04 -10.24 -3.98
N MET A 276 -18.43 -9.74 -5.07
CA MET A 276 -18.88 -10.02 -6.43
CA MET A 276 -18.93 -10.04 -6.40
C MET A 276 -18.88 -11.52 -6.71
N LYS A 277 -17.78 -12.18 -6.37
CA LYS A 277 -17.64 -13.61 -6.61
C LYS A 277 -18.73 -14.38 -5.88
N ALA A 278 -19.07 -13.93 -4.68
CA ALA A 278 -20.10 -14.62 -3.91
C ALA A 278 -21.48 -14.39 -4.50
N GLY A 279 -21.70 -13.24 -5.14
CA GLY A 279 -22.94 -13.00 -5.86
C GLY A 279 -23.78 -11.82 -5.36
N ALA A 280 -24.28 -11.04 -6.29
CA ALA A 280 -25.21 -9.96 -5.96
C ALA A 280 -26.49 -10.50 -5.31
N LEU A 281 -27.09 -9.68 -4.46
CA LEU A 281 -28.35 -9.99 -3.78
C LEU A 281 -29.41 -8.97 -4.15
N ALA A 282 -30.67 -9.43 -4.18
CA ALA A 282 -31.77 -8.54 -4.58
C ALA A 282 -32.34 -7.75 -3.41
N THR A 283 -32.13 -8.21 -2.19
CA THR A 283 -32.67 -7.58 -1.01
C THR A 283 -31.56 -7.43 0.02
N ILE A 284 -31.74 -6.47 0.92
CA ILE A 284 -30.78 -6.23 2.00
C ILE A 284 -30.66 -7.50 2.85
N PRO A 285 -29.45 -7.91 3.21
CA PRO A 285 -29.30 -9.12 4.02
C PRO A 285 -29.79 -8.92 5.45
N LEU A 286 -30.34 -9.98 6.02
CA LEU A 286 -30.92 -9.85 7.36
C LEU A 286 -29.82 -9.84 8.41
N GLY A 287 -30.19 -9.34 9.60
CA GLY A 287 -29.26 -9.21 10.70
C GLY A 287 -29.46 -10.14 11.86
N GLY A 288 -30.37 -11.11 11.77
CA GLY A 288 -30.63 -12.00 12.89
C GLY A 288 -29.43 -12.81 13.33
N MET A 289 -28.39 -12.90 12.50
CA MET A 289 -27.23 -13.73 12.79
C MET A 289 -25.95 -12.93 12.91
N ILE A 290 -26.04 -11.60 13.15
CA ILE A 290 -24.87 -10.74 13.02
C ILE A 290 -23.75 -11.19 13.93
N SER A 291 -24.09 -11.61 15.16
CA SER A 291 -23.02 -12.04 16.04
C SER A 291 -22.29 -13.24 15.47
N ASP A 292 -23.01 -14.12 14.77
CA ASP A 292 -22.38 -15.28 14.17
C ASP A 292 -21.49 -14.90 12.99
N ILE A 293 -21.91 -13.89 12.21
CA ILE A 293 -21.08 -13.44 11.09
C ILE A 293 -19.83 -12.73 11.61
N LEU A 294 -19.99 -11.90 12.63
CA LEU A 294 -18.84 -11.29 13.29
C LEU A 294 -17.88 -12.36 13.80
N GLU A 295 -18.42 -13.46 14.34
CA GLU A 295 -17.52 -14.51 14.83
C GLU A 295 -16.76 -15.16 13.68
N ASN A 296 -17.45 -15.46 12.57
CA ASN A 296 -16.75 -16.01 11.41
C ASN A 296 -15.68 -15.06 10.88
N LEU A 297 -15.84 -13.75 11.08
CA LEU A 297 -14.89 -12.76 10.59
C LEU A 297 -13.76 -12.44 11.58
N ASP A 298 -13.74 -13.09 12.75
CA ASP A 298 -12.78 -12.73 13.79
C ASP A 298 -11.34 -12.79 13.29
N GLU A 299 -10.98 -13.88 12.62
CA GLU A 299 -9.61 -14.05 12.12
C GLU A 299 -9.25 -12.97 11.11
N THR A 300 -10.22 -12.62 10.26
CA THR A 300 -10.02 -11.57 9.27
C THR A 300 -9.82 -10.20 9.92
N PHE A 301 -10.68 -9.86 10.89
CA PHE A 301 -10.50 -8.59 11.60
C PHE A 301 -9.13 -8.49 12.26
N ASN A 302 -8.65 -9.58 12.86
CA ASN A 302 -7.30 -9.54 13.44
C ASN A 302 -6.22 -9.43 12.37
N LEU A 303 -6.44 -10.00 11.17
CA LEU A 303 -5.49 -9.80 10.08
C LEU A 303 -5.44 -8.33 9.68
N TYR A 304 -6.62 -7.72 9.52
CA TYR A 304 -6.68 -6.29 9.24
C TYR A 304 -6.00 -5.47 10.33
N ARG A 305 -6.20 -5.80 11.61
CA ARG A 305 -5.49 -5.05 12.66
C ARG A 305 -3.98 -5.14 12.44
N SER A 306 -3.48 -6.33 12.11
CA SER A 306 -2.05 -6.47 11.87
C SER A 306 -1.58 -5.61 10.69
N TYR A 307 -2.35 -5.58 9.60
CA TYR A 307 -1.97 -4.77 8.44
C TYR A 307 -1.81 -3.30 8.79
N PHE A 308 -2.62 -2.78 9.70
CA PHE A 308 -2.62 -1.35 10.04
C PHE A 308 -1.85 -1.04 11.31
N GLY A 309 -1.13 -2.01 11.88
CA GLY A 309 -0.40 -1.74 13.11
C GLY A 309 -1.27 -1.52 14.33
N LEU A 310 -2.43 -2.15 14.38
CA LEU A 310 -3.38 -1.98 15.47
C LEU A 310 -3.46 -3.21 16.35
N ASP A 311 -2.66 -4.23 16.06
CA ASP A 311 -2.61 -5.37 16.97
C ASP A 311 -2.05 -4.91 18.32
N ASP A 312 -2.38 -5.66 19.37
CA ASP A 312 -2.02 -5.22 20.73
C ASP A 312 -0.52 -4.96 20.88
N ALA A 313 0.31 -5.82 20.30
CA ALA A 313 1.76 -5.64 20.45
C ALA A 313 2.22 -4.33 19.81
N SER A 314 1.73 -4.01 18.61
CA SER A 314 2.12 -2.75 17.98
C SER A 314 1.68 -1.56 18.80
N LEU A 315 0.53 -1.67 19.47
CA LEU A 315 0.02 -0.53 20.21
C LEU A 315 0.89 -0.21 21.43
N GLU A 316 1.68 -1.19 21.90
CA GLU A 316 2.62 -0.98 23.02
C GLU A 316 3.53 0.22 22.79
N ASN A 317 4.24 0.24 21.67
CA ASN A 317 5.16 1.34 21.38
C ASN A 317 4.47 2.69 21.46
N ILE A 318 3.31 2.84 20.82
CA ILE A 318 2.65 4.14 20.80
C ILE A 318 2.14 4.52 22.18
N ALA A 319 1.68 3.56 22.98
CA ALA A 319 1.10 3.91 24.28
C ALA A 319 2.17 4.41 25.25
N GLN A 320 3.36 3.83 25.19
CA GLN A 320 4.44 4.28 26.05
C GLN A 320 4.87 5.70 25.69
N ASP A 321 5.07 5.98 24.41
CA ASP A 321 5.49 7.33 24.00
C ASP A 321 4.47 8.39 24.40
N LEU A 322 3.20 7.99 24.56
CA LEU A 322 2.21 8.87 25.16
C LEU A 322 2.21 8.81 26.68
N ASN A 323 3.08 7.97 27.26
CA ASN A 323 3.08 7.69 28.70
C ASN A 323 1.68 7.38 29.21
N MET A 324 1.06 6.37 28.59
CA MET A 324 -0.19 5.85 29.09
C MET A 324 -0.25 4.36 28.77
N SER A 325 -1.24 3.69 29.34
CA SER A 325 -1.45 2.28 29.08
C SER A 325 -2.03 2.09 27.69
N VAL A 326 -1.81 0.90 27.12
CA VAL A 326 -2.48 0.55 25.88
C VAL A 326 -3.99 0.58 26.07
N ASP A 327 -4.45 0.17 27.26
CA ASP A 327 -5.90 0.15 27.51
C ASP A 327 -6.49 1.56 27.51
N ASP A 328 -5.88 2.50 28.24
CA ASP A 328 -6.41 3.86 28.25
C ASP A 328 -6.34 4.48 26.85
N PHE A 329 -5.28 4.13 26.11
CA PHE A 329 -5.14 4.56 24.73
C PHE A 329 -6.31 4.08 23.88
N LYS A 330 -6.68 2.80 24.02
CA LYS A 330 -7.70 2.20 23.19
C LYS A 330 -9.07 2.83 23.42
N VAL A 331 -9.29 3.41 24.59
CA VAL A 331 -10.55 4.09 24.88
C VAL A 331 -10.90 5.09 23.77
N HIS A 332 -9.87 5.72 23.20
CA HIS A 332 -10.06 6.80 22.26
C HIS A 332 -9.90 6.37 20.80
N LEU A 333 -9.91 5.06 20.55
CA LEU A 333 -9.92 4.50 19.21
C LEU A 333 -11.29 3.90 18.90
N ARG A 334 -11.66 3.87 17.61
CA ARG A 334 -13.00 3.44 17.27
C ARG A 334 -13.11 1.93 17.05
N PHE A 335 -12.06 1.25 16.61
CA PHE A 335 -12.24 -0.15 16.25
C PHE A 335 -12.62 -1.06 17.43
N PRO A 336 -12.18 -0.84 18.68
CA PRO A 336 -12.55 -1.81 19.75
C PRO A 336 -14.04 -1.95 19.98
N HIS A 337 -14.80 -0.87 19.90
CA HIS A 337 -16.24 -0.98 20.17
C HIS A 337 -17.06 -0.63 18.93
N LEU A 338 -16.48 -0.83 17.75
CA LEU A 338 -17.21 -0.58 16.52
C LEU A 338 -18.54 -1.30 16.50
N PHE A 339 -18.57 -2.56 16.92
CA PHE A 339 -19.77 -3.36 16.76
C PHE A 339 -20.59 -3.43 18.03
N ALA A 340 -20.26 -2.64 19.03
CA ALA A 340 -20.96 -2.65 20.31
C ALA A 340 -22.05 -1.59 20.30
N GLU A 341 -23.19 -1.89 20.91
CA GLU A 341 -24.30 -0.95 20.88
C GLU A 341 -23.90 0.35 21.56
N HIS A 342 -24.32 1.47 20.97
CA HIS A 342 -24.16 2.79 21.55
C HIS A 342 -25.49 3.51 21.49
N ASN A 343 -25.69 4.44 22.43
CA ASN A 343 -26.87 5.32 22.45
C ASN A 343 -28.17 4.56 22.41
N ASP A 344 -28.17 3.31 22.87
CA ASP A 344 -29.34 2.43 22.83
C ASP A 344 -29.86 2.26 21.39
N GLU A 345 -28.97 2.38 20.40
CA GLU A 345 -29.28 2.01 19.03
C GLU A 345 -28.81 0.59 18.76
N SER A 346 -29.67 -0.21 18.14
CA SER A 346 -29.31 -1.59 17.89
C SER A 346 -28.33 -1.67 16.73
N LEU A 347 -27.45 -2.68 16.79
CA LEU A 347 -26.45 -2.82 15.74
C LEU A 347 -27.09 -3.09 14.39
N GLU A 348 -28.13 -3.93 14.36
CA GLU A 348 -28.74 -4.25 13.07
C GLU A 348 -29.49 -3.06 12.48
N ASP A 349 -30.01 -2.16 13.31
CA ASP A 349 -30.62 -0.97 12.72
C ASP A 349 -29.56 -0.01 12.19
N LYS A 350 -28.42 0.10 12.87
CA LYS A 350 -27.32 0.89 12.36
C LYS A 350 -26.78 0.29 11.06
N LEU A 351 -26.69 -1.04 11.01
CA LEU A 351 -26.16 -1.69 9.80
C LEU A 351 -27.11 -1.51 8.63
N PHE A 352 -28.41 -1.50 8.88
CA PHE A 352 -29.37 -1.33 7.80
C PHE A 352 -29.24 0.05 7.19
N LYS A 353 -29.10 1.09 8.02
CA LYS A 353 -28.89 2.43 7.48
C LYS A 353 -27.58 2.50 6.70
N TYR A 354 -26.55 1.84 7.20
CA TYR A 354 -25.25 1.87 6.54
C TYR A 354 -25.33 1.25 5.14
N ILE A 355 -25.98 0.08 5.05
CA ILE A 355 -26.09 -0.64 3.79
C ILE A 355 -26.86 0.21 2.76
N LYS A 356 -27.95 0.85 3.18
CA LYS A 356 -28.63 1.72 2.21
C LYS A 356 -27.75 2.88 1.76
N HIS A 357 -26.87 3.39 2.63
CA HIS A 357 -25.98 4.46 2.20
C HIS A 357 -24.91 3.94 1.24
N ILE A 358 -24.20 2.87 1.62
CA ILE A 358 -23.16 2.31 0.77
C ILE A 358 -23.70 1.93 -0.60
N SER A 359 -24.95 1.47 -0.67
CA SER A 359 -25.47 0.99 -1.95
C SER A 359 -25.99 2.12 -2.84
N SER A 360 -26.47 3.22 -2.26
CA SER A 360 -26.91 4.35 -3.07
C SER A 360 -25.76 5.19 -3.61
N VAL A 361 -24.54 4.97 -3.14
CA VAL A 361 -23.40 5.74 -3.62
C VAL A 361 -22.99 5.30 -5.02
N THR A 362 -22.81 3.99 -5.22
CA THR A 362 -22.50 3.44 -6.52
C THR A 362 -23.75 3.03 -7.30
N GLY A 363 -24.94 3.28 -6.75
CA GLY A 363 -26.18 2.87 -7.38
C GLY A 363 -27.09 4.00 -7.82
N GLY A 364 -27.17 5.07 -7.03
CA GLY A 364 -28.05 6.17 -7.36
C GLY A 364 -29.45 5.92 -6.88
N PRO A 365 -30.39 6.79 -7.27
CA PRO A 365 -31.77 6.69 -6.76
C PRO A 365 -32.81 6.10 -7.71
N VAL A 366 -32.45 5.70 -8.92
CA VAL A 366 -33.40 5.23 -9.92
C VAL A 366 -33.21 3.75 -10.23
N ALA A 367 -31.99 3.35 -10.58
CA ALA A 367 -31.72 1.97 -10.96
C ALA A 367 -31.99 1.02 -9.79
N ALA A 368 -32.17 -0.26 -10.12
CA ALA A 368 -32.28 -1.28 -9.08
C ALA A 368 -31.00 -1.29 -8.25
N VAL A 369 -31.12 -1.53 -6.95
CA VAL A 369 -29.98 -1.43 -6.06
C VAL A 369 -29.38 -2.81 -5.91
N THR A 370 -28.06 -2.90 -6.01
CA THR A 370 -27.32 -4.15 -5.84
C THR A 370 -26.82 -4.25 -4.40
N TYR A 371 -27.22 -5.31 -3.70
CA TYR A 371 -26.74 -5.58 -2.35
C TYR A 371 -25.76 -6.74 -2.38
N TYR A 372 -24.93 -6.81 -1.34
CA TYR A 372 -24.04 -7.96 -1.15
C TYR A 372 -24.30 -8.58 0.22
N ARG A 373 -23.54 -9.63 0.52
CA ARG A 373 -23.71 -10.32 1.80
C ARG A 373 -23.30 -9.41 2.93
N MET A 374 -23.88 -9.66 4.11
CA MET A 374 -23.59 -8.81 5.27
C MET A 374 -22.08 -8.77 5.56
N ALA A 375 -21.37 -9.89 5.37
CA ALA A 375 -19.94 -9.92 5.63
C ALA A 375 -19.18 -8.88 4.83
N TYR A 376 -19.65 -8.54 3.62
CA TYR A 376 -18.98 -7.50 2.84
C TYR A 376 -19.03 -6.16 3.57
N TYR A 377 -20.22 -5.77 4.04
CA TYR A 377 -20.36 -4.47 4.70
C TYR A 377 -19.58 -4.41 6.01
N LEU A 378 -19.55 -5.52 6.74
CA LEU A 378 -18.82 -5.58 8.01
C LEU A 378 -17.32 -5.43 7.78
N GLN A 379 -16.79 -6.10 6.76
CA GLN A 379 -15.38 -5.93 6.44
C GLN A 379 -15.09 -4.52 5.95
N ASN A 380 -15.96 -3.98 5.09
CA ASN A 380 -15.73 -2.63 4.58
C ASN A 380 -15.71 -1.61 5.71
N LEU A 381 -16.67 -1.74 6.64
CA LEU A 381 -16.72 -0.84 7.79
C LEU A 381 -15.46 -0.96 8.63
N PHE A 382 -15.04 -2.20 8.93
CA PHE A 382 -13.85 -2.37 9.75
C PHE A 382 -12.61 -1.77 9.09
N LEU A 383 -12.45 -1.96 7.79
CA LEU A 383 -11.29 -1.39 7.09
C LEU A 383 -11.27 0.14 7.20
N ASP A 384 -12.40 0.80 6.93
CA ASP A 384 -12.40 2.26 7.07
C ASP A 384 -12.09 2.67 8.51
N THR A 385 -12.58 1.92 9.49
CA THR A 385 -12.35 2.29 10.89
C THR A 385 -10.90 2.09 11.26
N ALA A 386 -10.32 0.95 10.89
CA ALA A 386 -8.92 0.67 11.18
C ALA A 386 -8.01 1.70 10.55
N ALA A 387 -8.29 2.04 9.29
CA ALA A 387 -7.44 3.01 8.60
C ALA A 387 -7.53 4.37 9.28
N ASN A 388 -8.75 4.76 9.68
CA ASN A 388 -8.93 6.05 10.34
C ASN A 388 -8.25 6.07 11.70
N ASP A 389 -8.31 4.95 12.43
CA ASP A 389 -7.55 4.82 13.68
C ASP A 389 -6.04 4.89 13.44
N ALA A 390 -5.53 4.20 12.41
CA ALA A 390 -4.10 4.26 12.12
C ALA A 390 -3.65 5.67 11.77
N ILE A 391 -4.48 6.43 11.07
CA ILE A 391 -4.12 7.81 10.71
C ILE A 391 -4.06 8.67 11.96
N ALA A 392 -5.04 8.49 12.86
CA ALA A 392 -5.02 9.26 14.10
C ALA A 392 -3.79 8.93 14.94
N LEU A 393 -3.28 7.70 14.82
CA LEU A 393 -2.12 7.30 15.61
C LEU A 393 -0.88 8.09 15.21
N LEU A 394 -0.78 8.47 13.94
CA LEU A 394 0.32 9.28 13.45
C LEU A 394 0.44 10.60 14.17
N ASN A 395 -0.69 11.14 14.66
CA ASN A 395 -0.76 12.48 15.21
C ASN A 395 -1.43 12.48 16.58
N SER A 396 -1.15 11.46 17.40
CA SER A 396 -1.99 11.25 18.57
C SER A 396 -1.73 12.31 19.65
N LYS A 397 -0.47 12.68 19.84
CA LYS A 397 -0.14 13.74 20.79
C LYS A 397 -1.00 14.99 20.57
N ALA A 398 -0.96 15.56 19.37
CA ALA A 398 -1.70 16.79 19.09
C ALA A 398 -3.20 16.57 19.18
N LEU A 399 -3.68 15.41 18.71
CA LEU A 399 -5.12 15.16 18.72
C LEU A 399 -5.63 15.05 20.15
N PHE A 400 -4.82 14.45 21.03
CA PHE A 400 -5.27 14.20 22.40
C PHE A 400 -5.55 15.50 23.14
N GLU A 401 -4.76 16.53 22.85
CA GLU A 401 -4.84 17.78 23.61
C GLU A 401 -6.19 18.45 23.45
N LYS A 402 -6.83 18.33 22.30
CA LYS A 402 -8.07 19.05 22.02
C LYS A 402 -9.25 18.09 21.91
N LYS A 403 -9.34 17.31 20.85
CA LYS A 403 -10.48 16.39 20.68
C LYS A 403 -10.31 15.12 21.51
N PRO A 406 -14.59 12.24 22.13
CA PRO A 406 -14.06 11.10 22.88
C PRO A 406 -13.18 10.17 22.04
N TYR A 407 -13.27 10.24 20.71
CA TYR A 407 -12.38 9.49 19.84
C TYR A 407 -11.40 10.46 19.20
N ILE A 408 -10.15 10.01 19.00
CA ILE A 408 -9.19 10.84 18.29
C ILE A 408 -9.27 10.66 16.78
N SER A 409 -9.94 9.62 16.29
CA SER A 409 -10.01 9.34 14.86
C SER A 409 -11.31 9.86 14.26
N GLU A 410 -11.29 10.06 12.93
CA GLU A 410 -12.50 10.35 12.20
C GLU A 410 -13.40 9.12 12.11
N PRO A 411 -14.72 9.31 12.06
CA PRO A 411 -15.59 8.16 11.94
C PRO A 411 -15.49 7.55 10.56
N PRO A 412 -15.73 6.25 10.43
CA PRO A 412 -15.73 5.63 9.10
C PRO A 412 -16.90 6.15 8.27
N GLU A 413 -16.66 6.32 6.96
CA GLU A 413 -17.68 6.97 6.13
C GLU A 413 -19.03 6.26 6.22
N TYR A 414 -20.09 7.07 6.32
CA TYR A 414 -21.50 6.64 6.34
C TYR A 414 -21.99 5.92 7.60
N TRP A 415 -21.10 5.61 8.54
CA TRP A 415 -21.51 4.82 9.70
C TRP A 415 -22.35 5.63 10.67
N GLU A 416 -21.94 6.86 10.95
CA GLU A 416 -22.72 7.72 11.82
C GLU A 416 -23.68 8.59 10.98
N ALA A 417 -24.66 9.17 11.65
CA ALA A 417 -25.66 9.96 10.91
C ALA A 417 -26.11 11.19 11.69
PG GTP B . 25.77 -0.32 2.74
O1G GTP B . 25.98 -1.78 2.42
O2G GTP B . 25.42 0.39 1.45
O3G GTP B . 27.04 0.23 3.35
O3B GTP B . 24.52 -0.21 3.77
PB GTP B . 24.47 0.67 5.13
O1B GTP B . 23.01 0.86 5.53
O2B GTP B . 25.28 0.08 6.26
O3A GTP B . 24.97 2.12 4.69
PA GTP B . 26.33 2.76 5.25
O1A GTP B . 27.39 1.70 5.56
O2A GTP B . 26.85 3.74 4.24
O5' GTP B . 25.89 3.52 6.60
C5' GTP B . 25.22 2.91 7.69
C4' GTP B . 24.88 4.05 8.64
O4' GTP B . 24.41 5.15 7.89
C3' GTP B . 23.78 3.70 9.62
O3' GTP B . 24.09 4.38 10.81
C2' GTP B . 22.55 4.35 9.06
O2' GTP B . 21.69 4.75 10.10
C1' GTP B . 23.13 5.54 8.31
N9 GTP B . 22.32 5.89 7.13
C8 GTP B . 22.06 5.12 6.03
N7 GTP B . 21.26 5.83 5.17
C5 GTP B . 21.02 7.04 5.74
C6 GTP B . 20.29 8.15 5.32
O6 GTP B . 19.67 8.16 4.25
N1 GTP B . 20.23 9.25 6.13
C2 GTP B . 20.90 9.29 7.33
N2 GTP B . 20.82 10.39 8.09
N3 GTP B . 21.63 8.19 7.75
C4 GTP B . 21.68 7.08 6.96
#